data_3HMI
#
_entry.id   3HMI
#
_cell.length_a   165.920
_cell.length_b   39.800
_cell.length_c   43.130
_cell.angle_alpha   90.00
_cell.angle_beta   95.69
_cell.angle_gamma   90.00
#
_symmetry.space_group_name_H-M   'C 1 2 1'
#
loop_
_entity.id
_entity.type
_entity.pdbx_description
1 polymer 'Tyrosine-protein kinase ABL2'
2 non-polymer 5-AMINO-3-{[4-(AMINOSULFONYL)PHENYL]AMINO}-N-(2,6-DIFLUOROPHENYL)-1H-1,2,4-TRIAZOLE-1-CARBOTHIOAMIDE
3 water water
#
_entity_poly.entity_id   1
_entity_poly.type   'polypeptide(L)'
_entity_poly.pdbx_seq_one_letter_code
;MGHHHHHHSSGVDLGTENLYFQSMDKWEMERTDITMKHKLGGGQYGEVYVGVWKKYSLTVAVKTLKEDTMEVEEFLKEAA
VMKEIKHPNLVQLLGVCTLEPPFYIVTEYMPYGNLLDYLRECNREEVTAVVLLYMATQISSAMEYLEKKNFIHRDLAARN
CLVGENHVVKVADFGLSRLMTGDTYTAHAGAKFPIKWTAPESLAYNTFSIKSDVWAFGVLLWEIATYGMSPYPGIDLSQV
YDLLEKGYRMEQPEGCPPKVYELMRACWKWSPADRPSFAETHQAFETMFHDS
;
_entity_poly.pdbx_strand_id   A
#
# COMPACT_ATOMS: atom_id res chain seq x y z
N ASP A 25 14.95 -11.19 20.22
CA ASP A 25 15.77 -10.11 19.62
C ASP A 25 15.42 -8.73 20.21
N LYS A 26 16.07 -7.69 19.71
CA LYS A 26 15.81 -6.33 20.19
C LYS A 26 14.40 -5.80 20.00
N TRP A 27 13.63 -6.41 19.10
CA TRP A 27 12.27 -5.95 18.82
C TRP A 27 11.24 -6.43 19.83
N GLU A 28 11.56 -7.47 20.61
CA GLU A 28 10.58 -7.97 21.56
C GLU A 28 10.26 -6.91 22.62
N MET A 29 8.98 -6.69 22.85
CA MET A 29 8.52 -5.75 23.86
CA MET A 29 8.57 -5.78 23.91
C MET A 29 7.50 -6.44 24.78
N GLU A 30 7.25 -5.81 25.93
CA GLU A 30 6.34 -6.35 26.93
C GLU A 30 4.89 -6.06 26.57
N ARG A 31 4.08 -7.11 26.38
CA ARG A 31 2.67 -6.94 25.94
C ARG A 31 1.86 -6.18 26.98
N THR A 32 2.16 -6.38 28.26
CA THR A 32 1.45 -5.66 29.32
C THR A 32 1.77 -4.14 29.36
N ASP A 33 2.78 -3.70 28.59
CA ASP A 33 3.07 -2.26 28.39
C ASP A 33 1.94 -1.58 27.58
N ILE A 34 1.12 -2.37 26.88
CA ILE A 34 0.15 -1.86 25.90
C ILE A 34 -1.28 -1.92 26.39
N THR A 35 -1.97 -0.79 26.33
CA THR A 35 -3.40 -0.73 26.60
C THR A 35 -4.09 -0.85 25.27
N MET A 36 -4.86 -1.93 25.09
CA MET A 36 -5.47 -2.19 23.78
C MET A 36 -6.82 -1.51 23.79
N LYS A 37 -7.10 -0.77 22.73
CA LYS A 37 -8.35 -0.06 22.59
C LYS A 37 -9.16 -0.68 21.43
N HIS A 38 -9.75 0.15 20.59
CA HIS A 38 -10.67 -0.32 19.56
C HIS A 38 -9.95 -0.87 18.31
N LYS A 39 -10.69 -1.62 17.50
CA LYS A 39 -10.21 -2.04 16.19
C LYS A 39 -9.87 -0.78 15.37
N LEU A 40 -8.79 -0.83 14.59
CA LEU A 40 -8.35 0.30 13.81
C LEU A 40 -9.25 0.47 12.61
N GLY A 41 -9.50 1.74 12.25
CA GLY A 41 -10.32 2.07 11.08
C GLY A 41 -11.61 1.34 10.96
N GLY A 42 -12.28 1.19 12.09
CA GLY A 42 -13.59 0.58 12.14
C GLY A 42 -13.64 -0.85 11.65
N GLY A 43 -12.48 -1.51 11.64
CA GLY A 43 -12.42 -2.92 11.29
C GLY A 43 -12.03 -3.23 9.87
N GLN A 44 -11.73 -2.19 9.06
CA GLN A 44 -11.48 -2.41 7.62
C GLN A 44 -10.11 -3.07 7.37
N TYR A 45 -9.24 -3.08 8.38
CA TYR A 45 -7.93 -3.71 8.25
C TYR A 45 -7.83 -5.05 8.96
N GLY A 46 -8.97 -5.63 9.34
CA GLY A 46 -9.01 -6.87 10.10
C GLY A 46 -8.56 -6.67 11.54
N GLU A 47 -7.82 -7.64 12.07
CA GLU A 47 -7.42 -7.65 13.47
C GLU A 47 -6.25 -6.80 13.73
N VAL A 48 -6.39 -5.51 13.43
CA VAL A 48 -5.47 -4.51 13.82
C VAL A 48 -6.21 -3.55 14.76
N TYR A 49 -5.52 -3.19 15.84
CA TYR A 49 -6.09 -2.39 16.91
C TYR A 49 -5.31 -1.09 17.18
N VAL A 50 -6.03 -0.08 17.68
CA VAL A 50 -5.37 1.07 18.29
C VAL A 50 -4.98 0.67 19.72
N GLY A 51 -3.74 0.98 20.12
CA GLY A 51 -3.29 0.77 21.51
C GLY A 51 -2.49 1.96 21.97
N VAL A 52 -2.15 1.96 23.26
CA VAL A 52 -1.30 2.96 23.85
C VAL A 52 -0.16 2.24 24.57
N TRP A 53 1.07 2.57 24.22
CA TRP A 53 2.26 2.11 24.93
C TRP A 53 2.37 3.06 26.10
N LYS A 54 1.81 2.62 27.23
CA LYS A 54 1.48 3.51 28.37
C LYS A 54 2.68 4.33 28.85
N LYS A 55 3.80 3.64 29.10
CA LYS A 55 5.09 4.22 29.57
C LYS A 55 5.48 5.51 28.82
N TYR A 56 5.26 5.47 27.51
CA TYR A 56 5.71 6.51 26.60
C TYR A 56 4.54 7.43 26.18
N SER A 57 3.36 7.19 26.75
CA SER A 57 2.14 7.95 26.42
C SER A 57 1.93 7.98 24.91
N LEU A 58 2.18 6.85 24.25
CA LEU A 58 2.27 6.80 22.79
C LEU A 58 1.19 5.92 22.18
N THR A 59 0.39 6.50 21.28
CA THR A 59 -0.56 5.69 20.53
C THR A 59 0.19 4.87 19.48
N VAL A 60 -0.20 3.61 19.33
CA VAL A 60 0.47 2.71 18.40
C VAL A 60 -0.62 1.91 17.68
N ALA A 61 -0.24 1.26 16.58
CA ALA A 61 -1.09 0.27 15.92
C ALA A 61 -0.59 -1.13 16.27
N VAL A 62 -1.53 -2.03 16.50
CA VAL A 62 -1.20 -3.39 16.92
C VAL A 62 -1.97 -4.43 16.09
N LYS A 63 -1.22 -5.16 15.27
CA LYS A 63 -1.78 -6.28 14.50
C LYS A 63 -1.64 -7.52 15.34
N THR A 64 -2.75 -8.26 15.45
CA THR A 64 -2.70 -9.47 16.25
CA THR A 64 -2.90 -9.43 16.30
C THR A 64 -3.01 -10.66 15.41
N LEU A 65 -2.68 -11.81 15.96
CA LEU A 65 -2.92 -13.09 15.33
C LEU A 65 -4.14 -13.67 16.04
N LYS A 66 -5.29 -13.64 15.36
CA LYS A 66 -6.54 -14.11 15.93
C LYS A 66 -7.08 -15.32 15.15
N GLU A 67 -8.41 -15.49 15.11
CA GLU A 67 -8.98 -16.72 14.57
C GLU A 67 -8.68 -16.85 13.07
N ASP A 68 -8.52 -15.69 12.43
CA ASP A 68 -8.20 -15.53 11.00
C ASP A 68 -7.09 -16.41 10.49
N THR A 69 -6.04 -16.54 11.30
CA THR A 69 -4.84 -17.24 10.86
C THR A 69 -4.60 -18.49 11.70
N MET A 70 -4.77 -19.65 11.06
CA MET A 70 -4.14 -20.90 11.51
C MET A 70 -2.69 -20.88 11.00
N GLU A 71 -2.24 -19.70 10.58
CA GLU A 71 -1.00 -19.48 9.85
C GLU A 71 0.02 -18.66 10.65
N VAL A 72 0.51 -19.26 11.74
CA VAL A 72 1.49 -18.62 12.62
C VAL A 72 2.83 -18.31 11.92
N GLU A 73 3.37 -19.29 11.18
CA GLU A 73 4.59 -19.10 10.38
C GLU A 73 4.46 -17.91 9.43
N GLU A 74 3.29 -17.75 8.81
CA GLU A 74 3.04 -16.62 7.89
C GLU A 74 3.12 -15.26 8.62
N PHE A 75 2.49 -15.18 9.80
CA PHE A 75 2.53 -13.97 10.61
C PHE A 75 3.99 -13.65 10.98
N LEU A 76 4.76 -14.67 11.35
CA LEU A 76 6.17 -14.48 11.73
C LEU A 76 6.99 -14.01 10.51
N LYS A 77 6.66 -14.51 9.33
CA LYS A 77 7.37 -14.10 8.09
C LYS A 77 7.11 -12.61 7.77
N GLU A 78 5.86 -12.20 7.96
CA GLU A 78 5.44 -10.82 7.82
C GLU A 78 6.27 -9.88 8.74
N ALA A 79 6.36 -10.29 9.99
CA ALA A 79 7.11 -9.51 10.99
C ALA A 79 8.58 -9.45 10.65
N ALA A 80 9.11 -10.58 10.18
CA ALA A 80 10.52 -10.67 9.78
C ALA A 80 10.87 -9.61 8.75
N VAL A 81 10.04 -9.46 7.72
CA VAL A 81 10.28 -8.46 6.68
C VAL A 81 10.28 -7.05 7.29
N MET A 82 9.29 -6.77 8.14
CA MET A 82 9.13 -5.46 8.75
C MET A 82 10.39 -5.02 9.55
N LYS A 83 11.08 -5.98 10.15
CA LYS A 83 12.27 -5.70 10.91
C LYS A 83 13.42 -5.23 10.01
N GLU A 84 13.33 -5.46 8.69
CA GLU A 84 14.38 -5.06 7.74
C GLU A 84 14.08 -3.77 6.96
N ILE A 85 12.93 -3.14 7.23
CA ILE A 85 12.47 -1.94 6.51
C ILE A 85 12.65 -0.71 7.38
N LYS A 86 13.35 0.29 6.85
CA LYS A 86 13.39 1.64 7.44
C LYS A 86 13.41 2.64 6.26
N HIS A 87 12.33 3.41 6.15
CA HIS A 87 12.15 4.42 5.11
C HIS A 87 11.15 5.49 5.56
N PRO A 88 11.34 6.76 5.19
CA PRO A 88 10.45 7.80 5.70
C PRO A 88 9.02 7.69 5.23
N ASN A 89 8.77 6.90 4.17
CA ASN A 89 7.46 6.73 3.60
C ASN A 89 6.96 5.31 3.69
N LEU A 90 7.54 4.52 4.62
CA LEU A 90 6.95 3.25 5.04
C LEU A 90 6.67 3.28 6.53
N VAL A 91 5.51 2.77 6.91
CA VAL A 91 5.11 2.76 8.32
C VAL A 91 6.21 2.09 9.19
N GLN A 92 6.56 2.77 10.27
CA GLN A 92 7.66 2.37 11.14
CA GLN A 92 7.67 2.29 11.11
C GLN A 92 7.23 1.24 12.12
N LEU A 93 7.91 0.08 12.05
CA LEU A 93 7.82 -1.01 13.05
C LEU A 93 8.43 -0.46 14.36
N LEU A 94 7.75 -0.68 15.47
CA LEU A 94 8.25 -0.31 16.81
C LEU A 94 8.67 -1.56 17.60
N GLY A 95 7.94 -2.66 17.46
CA GLY A 95 8.22 -3.86 18.26
C GLY A 95 7.34 -5.00 17.84
N VAL A 96 7.61 -6.15 18.46
CA VAL A 96 6.75 -7.33 18.35
C VAL A 96 6.60 -8.01 19.70
N CYS A 97 5.57 -8.86 19.79
CA CYS A 97 5.35 -9.75 20.94
C CYS A 97 5.17 -11.16 20.37
N THR A 98 6.26 -11.93 20.26
CA THR A 98 6.16 -13.31 19.76
C THR A 98 6.85 -14.34 20.68
N LEU A 99 6.90 -14.04 21.99
CA LEU A 99 7.49 -14.95 22.98
C LEU A 99 6.41 -15.80 23.59
N GLU A 100 5.16 -15.38 23.42
CA GLU A 100 4.01 -16.19 23.79
C GLU A 100 2.80 -15.67 23.03
N PRO A 101 1.73 -16.47 22.96
CA PRO A 101 0.51 -16.03 22.27
C PRO A 101 -0.34 -15.06 23.10
N PRO A 102 -1.25 -14.31 22.43
CA PRO A 102 -1.31 -14.15 20.97
C PRO A 102 -0.20 -13.22 20.45
N PHE A 103 0.35 -13.54 19.28
CA PHE A 103 1.45 -12.76 18.73
C PHE A 103 0.98 -11.39 18.29
N TYR A 104 1.80 -10.38 18.54
CA TYR A 104 1.51 -9.00 18.13
C TYR A 104 2.61 -8.46 17.26
N ILE A 105 2.21 -7.55 16.38
CA ILE A 105 3.14 -6.66 15.71
C ILE A 105 2.73 -5.25 15.99
N VAL A 106 3.69 -4.39 16.40
CA VAL A 106 3.39 -3.06 16.87
C VAL A 106 4.10 -2.01 16.01
N THR A 107 3.32 -1.10 15.44
CA THR A 107 3.89 -0.02 14.62
C THR A 107 3.44 1.32 15.15
N GLU A 108 4.05 2.39 14.63
CA GLU A 108 3.57 3.71 14.88
C GLU A 108 2.10 3.85 14.38
N TYR A 109 1.40 4.81 14.95
CA TYR A 109 0.01 5.11 14.56
C TYR A 109 0.01 6.42 13.79
N MET A 110 -0.68 6.44 12.66
CA MET A 110 -0.74 7.62 11.81
C MET A 110 -2.08 8.33 12.15
N PRO A 111 -2.00 9.51 12.76
CA PRO A 111 -3.24 10.05 13.32
C PRO A 111 -4.26 10.55 12.29
N TYR A 112 -3.84 10.92 11.10
CA TYR A 112 -4.81 11.47 10.15
C TYR A 112 -5.53 10.46 9.25
N GLY A 113 -5.30 9.17 9.47
CA GLY A 113 -6.11 8.13 8.78
C GLY A 113 -5.57 7.87 7.38
N ASN A 114 -6.36 7.23 6.54
CA ASN A 114 -5.83 6.78 5.25
C ASN A 114 -5.96 7.87 4.15
N LEU A 115 -5.23 7.67 3.06
CA LEU A 115 -5.13 8.66 2.00
C LEU A 115 -6.41 8.82 1.24
N LEU A 116 -7.15 7.72 1.07
CA LEU A 116 -8.45 7.70 0.37
C LEU A 116 -9.41 8.65 1.03
N ASP A 117 -9.66 8.43 2.31
CA ASP A 117 -10.54 9.32 3.07
C ASP A 117 -10.00 10.75 3.08
N TYR A 118 -8.70 10.90 3.23
CA TYR A 118 -8.11 12.23 3.31
C TYR A 118 -8.39 13.03 2.03
N LEU A 119 -8.19 12.42 0.87
CA LEU A 119 -8.45 13.09 -0.43
C LEU A 119 -9.91 13.46 -0.61
N ARG A 120 -10.78 12.53 -0.25
CA ARG A 120 -12.21 12.73 -0.33
C ARG A 120 -12.72 13.88 0.56
N GLU A 121 -12.07 14.08 1.71
CA GLU A 121 -12.52 15.08 2.72
C GLU A 121 -11.80 16.44 2.64
N CYS A 122 -10.69 16.47 1.90
CA CYS A 122 -9.77 17.59 2.03
C CYS A 122 -10.29 18.87 1.35
N ASN A 123 -9.73 19.99 1.78
CA ASN A 123 -9.96 21.26 1.12
C ASN A 123 -9.00 21.27 -0.07
N ARG A 124 -9.56 21.36 -1.28
CA ARG A 124 -8.73 21.22 -2.47
C ARG A 124 -7.91 22.49 -2.79
N GLU A 125 -8.18 23.57 -2.06
CA GLU A 125 -7.32 24.76 -2.12
C GLU A 125 -6.06 24.56 -1.27
N GLU A 126 -6.10 23.66 -0.31
CA GLU A 126 -4.93 23.26 0.47
C GLU A 126 -4.22 22.07 -0.18
N VAL A 127 -4.98 21.01 -0.44
CA VAL A 127 -4.45 19.87 -1.21
C VAL A 127 -4.56 20.12 -2.73
N THR A 128 -3.62 20.91 -3.22
CA THR A 128 -3.57 21.32 -4.60
C THR A 128 -2.85 20.27 -5.46
N ALA A 129 -2.74 20.53 -6.77
CA ALA A 129 -2.03 19.63 -7.68
C ALA A 129 -0.55 19.48 -7.31
N VAL A 130 0.06 20.54 -6.80
CA VAL A 130 1.40 20.45 -6.23
C VAL A 130 1.52 19.45 -5.08
N VAL A 131 0.57 19.49 -4.14
CA VAL A 131 0.53 18.53 -3.02
C VAL A 131 0.25 17.11 -3.50
N LEU A 132 -0.61 16.94 -4.50
CA LEU A 132 -0.88 15.61 -5.06
C LEU A 132 0.41 14.99 -5.63
N LEU A 133 1.20 15.81 -6.32
CA LEU A 133 2.48 15.35 -6.85
C LEU A 133 3.43 14.93 -5.72
N TYR A 134 3.44 15.69 -4.62
CA TYR A 134 4.27 15.36 -3.46
C TYR A 134 3.84 14.01 -2.89
N MET A 135 2.54 13.84 -2.73
CA MET A 135 1.97 12.57 -2.29
C MET A 135 2.40 11.36 -3.12
N ALA A 136 2.23 11.49 -4.43
CA ALA A 136 2.64 10.48 -5.39
C ALA A 136 4.13 10.19 -5.32
N THR A 137 4.95 11.25 -5.23
CA THR A 137 6.42 11.08 -5.13
C THR A 137 6.87 10.27 -3.90
N GLN A 138 6.31 10.63 -2.73
CA GLN A 138 6.61 9.94 -1.49
C GLN A 138 6.23 8.46 -1.62
N ILE A 139 5.04 8.16 -2.16
CA ILE A 139 4.65 6.76 -2.33
C ILE A 139 5.62 6.01 -3.29
N SER A 140 5.99 6.63 -4.39
CA SER A 140 6.94 6.01 -5.33
C SER A 140 8.37 5.83 -4.73
N SER A 141 8.77 6.72 -3.84
CA SER A 141 10.02 6.52 -3.09
C SER A 141 9.99 5.26 -2.20
N ALA A 142 8.89 5.07 -1.46
CA ALA A 142 8.65 3.87 -0.68
C ALA A 142 8.73 2.60 -1.53
N MET A 143 8.06 2.62 -2.68
CA MET A 143 8.03 1.43 -3.51
C MET A 143 9.35 1.18 -4.20
N GLU A 144 10.11 2.23 -4.51
CA GLU A 144 11.47 2.06 -5.00
C GLU A 144 12.34 1.29 -3.99
N TYR A 145 12.21 1.64 -2.72
CA TYR A 145 12.93 1.00 -1.63
C TYR A 145 12.52 -0.49 -1.48
N LEU A 146 11.24 -0.81 -1.56
CA LEU A 146 10.80 -2.19 -1.51
C LEU A 146 11.32 -3.00 -2.70
N GLU A 147 11.22 -2.42 -3.90
CA GLU A 147 11.75 -3.01 -5.11
C GLU A 147 13.23 -3.37 -4.92
N LYS A 148 14.00 -2.42 -4.41
CA LYS A 148 15.43 -2.63 -4.20
C LYS A 148 15.69 -3.76 -3.19
N LYS A 149 14.82 -3.89 -2.20
CA LYS A 149 14.92 -4.94 -1.18
C LYS A 149 14.29 -6.29 -1.59
N ASN A 150 13.81 -6.39 -2.82
CA ASN A 150 13.17 -7.62 -3.30
C ASN A 150 11.97 -8.01 -2.42
N PHE A 151 11.15 -7.04 -2.02
CA PHE A 151 9.94 -7.29 -1.26
C PHE A 151 8.75 -6.95 -2.13
N ILE A 152 7.67 -7.71 -2.02
CA ILE A 152 6.45 -7.35 -2.73
C ILE A 152 5.34 -6.97 -1.77
N HIS A 153 4.52 -6.01 -2.19
CA HIS A 153 3.51 -5.44 -1.32
C HIS A 153 2.15 -6.14 -1.44
N ARG A 154 1.66 -6.26 -2.67
CA ARG A 154 0.43 -6.99 -3.04
C ARG A 154 -0.93 -6.32 -2.73
N ASP A 155 -0.92 -5.14 -2.11
CA ASP A 155 -2.16 -4.43 -1.86
C ASP A 155 -1.98 -2.91 -1.83
N LEU A 156 -1.33 -2.38 -2.88
CA LEU A 156 -1.11 -0.95 -2.99
C LEU A 156 -2.40 -0.31 -3.46
N ALA A 157 -2.82 0.71 -2.71
CA ALA A 157 -4.10 1.40 -2.92
C ALA A 157 -4.17 2.54 -1.94
N ALA A 158 -5.01 3.53 -2.24
CA ALA A 158 -5.12 4.71 -1.39
C ALA A 158 -5.53 4.36 0.03
N ARG A 159 -6.37 3.34 0.17
CA ARG A 159 -6.83 2.89 1.46
C ARG A 159 -5.72 2.35 2.34
N ASN A 160 -4.59 1.98 1.73
CA ASN A 160 -3.48 1.35 2.43
C ASN A 160 -2.28 2.28 2.50
N CYS A 161 -2.57 3.54 2.23
CA CYS A 161 -1.58 4.62 2.45
C CYS A 161 -2.13 5.50 3.55
N LEU A 162 -1.23 6.01 4.37
CA LEU A 162 -1.57 6.80 5.56
C LEU A 162 -0.97 8.17 5.53
N VAL A 163 -1.70 9.13 6.10
CA VAL A 163 -1.33 10.53 6.09
C VAL A 163 -0.91 11.01 7.48
N GLY A 164 0.16 11.80 7.47
CA GLY A 164 0.70 12.47 8.64
C GLY A 164 0.67 13.98 8.53
N GLU A 165 1.43 14.60 9.41
CA GLU A 165 1.56 16.06 9.45
CA GLU A 165 1.54 16.05 9.44
C GLU A 165 2.21 16.55 8.17
N ASN A 166 1.77 17.71 7.68
CA ASN A 166 2.43 18.36 6.54
C ASN A 166 2.46 17.50 5.28
N HIS A 167 1.36 16.77 5.06
CA HIS A 167 1.12 15.95 3.87
C HIS A 167 2.15 14.84 3.71
N VAL A 168 2.74 14.39 4.83
CA VAL A 168 3.61 13.23 4.77
C VAL A 168 2.71 12.03 4.49
N VAL A 169 3.17 11.15 3.62
CA VAL A 169 2.43 9.93 3.31
C VAL A 169 3.32 8.74 3.57
N LYS A 170 2.75 7.71 4.20
CA LYS A 170 3.42 6.44 4.44
C LYS A 170 2.58 5.29 3.95
N VAL A 171 3.22 4.37 3.26
CA VAL A 171 2.59 3.14 2.83
C VAL A 171 2.64 2.09 3.93
N ALA A 172 1.49 1.48 4.17
CA ALA A 172 1.32 0.35 5.13
C ALA A 172 2.21 -0.81 4.70
N ASP A 173 2.79 -1.52 5.68
CA ASP A 173 3.80 -2.55 5.39
C ASP A 173 3.61 -3.81 6.22
N PHE A 174 2.37 -4.03 6.65
CA PHE A 174 1.97 -5.36 7.02
C PHE A 174 1.77 -6.11 5.68
N GLY A 175 1.79 -7.41 5.77
CA GLY A 175 1.47 -8.27 4.62
C GLY A 175 2.45 -8.31 3.47
N LEU A 176 3.70 -7.94 3.71
CA LEU A 176 4.73 -7.99 2.68
C LEU A 176 5.32 -9.39 2.58
N SER A 177 6.00 -9.66 1.45
CA SER A 177 6.61 -10.97 1.18
C SER A 177 8.00 -10.79 0.57
N ARG A 178 8.92 -11.69 0.90
CA ARG A 178 10.16 -11.80 0.15
C ARG A 178 9.92 -12.42 -1.23
N LEU A 179 10.66 -11.92 -2.21
CA LEU A 179 10.56 -12.35 -3.61
C LEU A 179 11.65 -11.62 -4.39
N MET A 180 12.71 -12.32 -4.80
CA MET A 180 13.78 -11.69 -5.59
C MET A 180 13.24 -11.19 -6.92
N THR A 181 13.84 -10.12 -7.46
CA THR A 181 13.44 -9.65 -8.79
C THR A 181 13.85 -10.69 -9.85
N GLY A 182 12.95 -10.92 -10.79
CA GLY A 182 13.05 -12.00 -11.77
C GLY A 182 12.30 -13.25 -11.30
N ASP A 183 11.68 -13.15 -10.11
CA ASP A 183 10.90 -14.25 -9.52
C ASP A 183 9.44 -13.79 -9.46
N THR A 184 8.54 -14.76 -9.28
CA THR A 184 7.11 -14.50 -9.15
CA THR A 184 7.10 -14.50 -9.14
C THR A 184 6.51 -15.27 -7.96
N TYR A 185 5.55 -14.66 -7.30
CA TYR A 185 4.84 -15.19 -6.14
C TYR A 185 3.48 -15.66 -6.62
N THR A 186 3.13 -16.90 -6.34
CA THR A 186 1.83 -17.44 -6.73
C THR A 186 0.94 -17.58 -5.49
N ALA A 187 -0.14 -16.80 -5.44
CA ALA A 187 -1.11 -16.92 -4.34
C ALA A 187 -1.94 -18.21 -4.48
N HIS A 188 -2.30 -18.80 -3.32
CA HIS A 188 -3.07 -20.05 -3.26
C HIS A 188 -4.39 -19.96 -4.03
N ALA A 189 -4.92 -21.10 -4.45
CA ALA A 189 -6.20 -21.16 -5.15
C ALA A 189 -7.29 -20.61 -4.24
N GLY A 190 -8.24 -19.86 -4.82
CA GLY A 190 -9.31 -19.26 -4.02
C GLY A 190 -8.87 -18.08 -3.14
N ALA A 191 -7.65 -17.57 -3.35
CA ALA A 191 -7.22 -16.34 -2.71
C ALA A 191 -7.99 -15.20 -3.37
N LYS A 192 -8.49 -14.27 -2.54
CA LYS A 192 -9.39 -13.20 -3.00
C LYS A 192 -8.63 -11.87 -3.04
N PHE A 193 -8.74 -11.17 -4.17
CA PHE A 193 -7.94 -9.98 -4.39
C PHE A 193 -8.85 -8.80 -4.54
N PRO A 194 -8.29 -7.57 -4.36
CA PRO A 194 -9.00 -6.35 -4.67
C PRO A 194 -8.97 -6.18 -6.19
N ILE A 195 -10.00 -6.70 -6.85
CA ILE A 195 -10.02 -6.86 -8.32
C ILE A 195 -9.56 -5.63 -9.12
N LYS A 196 -10.15 -4.47 -8.84
CA LYS A 196 -9.85 -3.27 -9.62
C LYS A 196 -8.44 -2.69 -9.42
N TRP A 197 -7.64 -3.22 -8.49
CA TRP A 197 -6.23 -2.84 -8.35
C TRP A 197 -5.25 -3.92 -8.83
N THR A 198 -5.76 -5.01 -9.38
CA THR A 198 -4.99 -6.25 -9.58
C THR A 198 -4.60 -6.36 -11.04
N ALA A 199 -3.31 -6.62 -11.33
CA ALA A 199 -2.82 -6.77 -12.70
C ALA A 199 -3.49 -7.94 -13.39
N PRO A 200 -3.63 -7.89 -14.71
CA PRO A 200 -4.31 -8.97 -15.43
C PRO A 200 -3.71 -10.36 -15.20
N GLU A 201 -2.39 -10.46 -15.12
CA GLU A 201 -1.74 -11.77 -14.93
C GLU A 201 -2.01 -12.34 -13.54
N SER A 202 -2.18 -11.43 -12.59
CA SER A 202 -2.57 -11.79 -11.23
C SER A 202 -4.04 -12.24 -11.21
N LEU A 203 -4.90 -11.53 -11.93
CA LEU A 203 -6.30 -11.92 -12.08
C LEU A 203 -6.43 -13.31 -12.70
N ALA A 204 -5.66 -13.53 -13.75
CA ALA A 204 -5.84 -14.69 -14.58
C ALA A 204 -5.15 -15.91 -14.01
N TYR A 205 -4.02 -15.72 -13.31
CA TYR A 205 -3.15 -16.85 -12.93
C TYR A 205 -2.66 -16.86 -11.45
N ASN A 206 -3.14 -15.93 -10.64
CA ASN A 206 -2.68 -15.83 -9.25
C ASN A 206 -1.18 -15.52 -9.13
N THR A 207 -0.63 -14.89 -10.18
CA THR A 207 0.79 -14.60 -10.29
C THR A 207 1.12 -13.15 -9.90
N PHE A 208 1.87 -12.94 -8.82
CA PHE A 208 2.25 -11.59 -8.39
C PHE A 208 3.76 -11.34 -8.49
N SER A 209 4.12 -10.07 -8.67
CA SER A 209 5.51 -9.64 -8.80
C SER A 209 5.62 -8.16 -8.45
N ILE A 210 6.84 -7.63 -8.43
CA ILE A 210 7.03 -6.19 -8.29
C ILE A 210 6.26 -5.47 -9.42
N LYS A 211 6.16 -6.07 -10.60
CA LYS A 211 5.45 -5.43 -11.70
C LYS A 211 3.93 -5.42 -11.50
N SER A 212 3.39 -6.37 -10.71
CA SER A 212 1.95 -6.31 -10.40
C SER A 212 1.74 -5.21 -9.34
N ASP A 213 2.70 -5.00 -8.43
CA ASP A 213 2.69 -3.78 -7.60
C ASP A 213 2.73 -2.46 -8.44
N VAL A 214 3.55 -2.42 -9.49
CA VAL A 214 3.59 -1.25 -10.38
C VAL A 214 2.20 -0.98 -11.01
N TRP A 215 1.53 -2.04 -11.48
CA TRP A 215 0.17 -1.92 -11.98
C TRP A 215 -0.76 -1.28 -10.93
N ALA A 216 -0.75 -1.84 -9.72
CA ALA A 216 -1.52 -1.29 -8.61
C ALA A 216 -1.16 0.17 -8.38
N PHE A 217 0.14 0.49 -8.46
CA PHE A 217 0.55 1.89 -8.32
C PHE A 217 -0.09 2.85 -9.33
N GLY A 218 -0.18 2.48 -10.61
CA GLY A 218 -0.94 3.29 -11.58
C GLY A 218 -2.39 3.54 -11.14
N VAL A 219 -3.07 2.53 -10.57
CA VAL A 219 -4.46 2.68 -10.09
C VAL A 219 -4.52 3.67 -8.91
N LEU A 220 -3.57 3.52 -8.00
CA LEU A 220 -3.40 4.46 -6.89
C LEU A 220 -3.20 5.90 -7.39
N LEU A 221 -2.36 6.04 -8.40
CA LEU A 221 -2.10 7.34 -9.03
C LEU A 221 -3.39 7.96 -9.60
N TRP A 222 -4.24 7.13 -10.18
CA TRP A 222 -5.57 7.57 -10.67
C TRP A 222 -6.48 7.98 -9.48
N GLU A 223 -6.37 7.24 -8.37
CA GLU A 223 -7.15 7.59 -7.17
C GLU A 223 -6.71 8.98 -6.67
N ILE A 224 -5.40 9.22 -6.67
CA ILE A 224 -4.83 10.52 -6.27
C ILE A 224 -5.26 11.68 -7.20
N ALA A 225 -5.14 11.46 -8.51
CA ALA A 225 -5.54 12.41 -9.55
C ALA A 225 -7.04 12.80 -9.47
N THR A 226 -7.90 11.88 -9.02
CA THR A 226 -9.34 12.12 -8.93
C THR A 226 -9.83 12.48 -7.50
N TYR A 227 -8.91 12.66 -6.58
CA TYR A 227 -9.27 12.95 -5.18
C TYR A 227 -10.12 11.82 -4.57
N GLY A 228 -9.82 10.59 -4.99
CA GLY A 228 -10.29 9.38 -4.33
C GLY A 228 -11.59 8.84 -4.89
N MET A 229 -11.78 8.96 -6.21
CA MET A 229 -12.95 8.34 -6.79
CA MET A 229 -12.93 8.35 -6.87
C MET A 229 -12.71 6.86 -6.95
N SER A 230 -13.78 6.11 -7.16
CA SER A 230 -13.74 4.64 -7.26
CA SER A 230 -13.69 4.66 -7.24
C SER A 230 -13.32 4.23 -8.68
N PRO A 231 -12.34 3.33 -8.82
CA PRO A 231 -11.93 3.04 -10.20
C PRO A 231 -12.95 2.26 -11.01
N TYR A 232 -12.86 2.40 -12.34
CA TYR A 232 -13.73 1.69 -13.29
C TYR A 232 -15.20 1.78 -12.89
N PRO A 233 -15.70 2.99 -12.66
CA PRO A 233 -17.08 3.09 -12.18
C PRO A 233 -18.08 2.49 -13.15
N GLY A 234 -19.01 1.72 -12.60
CA GLY A 234 -20.06 1.08 -13.37
C GLY A 234 -19.65 -0.23 -14.00
N ILE A 235 -18.38 -0.62 -13.85
CA ILE A 235 -17.89 -1.87 -14.43
C ILE A 235 -17.96 -2.99 -13.39
N ASP A 236 -18.63 -4.06 -13.73
CA ASP A 236 -18.73 -5.18 -12.81
C ASP A 236 -17.40 -5.88 -12.66
N LEU A 237 -17.16 -6.43 -11.47
CA LEU A 237 -15.88 -7.09 -11.23
C LEU A 237 -15.62 -8.24 -12.19
N SER A 238 -16.69 -8.91 -12.62
CA SER A 238 -16.61 -10.00 -13.62
C SER A 238 -16.13 -9.54 -15.00
N GLN A 239 -16.17 -8.24 -15.25
CA GLN A 239 -15.90 -7.69 -16.57
C GLN A 239 -14.53 -7.04 -16.64
N VAL A 240 -13.85 -6.92 -15.52
CA VAL A 240 -12.61 -6.13 -15.46
C VAL A 240 -11.50 -6.79 -16.29
N TYR A 241 -11.32 -8.10 -16.17
CA TYR A 241 -10.26 -8.79 -16.95
C TYR A 241 -10.48 -8.58 -18.45
N ASP A 242 -11.71 -8.85 -18.89
CA ASP A 242 -12.08 -8.78 -20.32
C ASP A 242 -11.89 -7.36 -20.91
N LEU A 243 -12.27 -6.36 -20.13
CA LEU A 243 -12.02 -4.94 -20.43
CA LEU A 243 -12.01 -4.95 -20.45
C LEU A 243 -10.52 -4.71 -20.67
N LEU A 244 -9.69 -5.14 -19.72
CA LEU A 244 -8.24 -4.95 -19.83
C LEU A 244 -7.62 -5.75 -20.99
N GLU A 245 -8.05 -7.00 -21.15
CA GLU A 245 -7.53 -7.89 -22.18
C GLU A 245 -7.77 -7.31 -23.58
N LYS A 246 -8.95 -6.72 -23.77
CA LYS A 246 -9.28 -6.05 -25.03
C LYS A 246 -8.64 -4.66 -25.20
N GLY A 247 -7.80 -4.23 -24.25
CA GLY A 247 -6.97 -3.02 -24.43
C GLY A 247 -7.53 -1.71 -23.88
N TYR A 248 -8.71 -1.79 -23.27
CA TYR A 248 -9.32 -0.64 -22.63
C TYR A 248 -8.66 -0.32 -21.28
N ARG A 249 -8.59 0.97 -20.97
CA ARG A 249 -8.04 1.47 -19.70
C ARG A 249 -8.82 2.68 -19.26
N MET A 250 -8.74 3.01 -17.96
CA MET A 250 -9.43 4.18 -17.44
C MET A 250 -8.95 5.41 -18.16
N GLU A 251 -9.89 6.30 -18.45
CA GLU A 251 -9.57 7.52 -19.18
C GLU A 251 -8.78 8.51 -18.33
N GLN A 252 -8.18 9.48 -19.01
CA GLN A 252 -7.45 10.54 -18.36
C GLN A 252 -8.40 11.45 -17.59
N PRO A 253 -8.21 11.57 -16.25
CA PRO A 253 -9.11 12.43 -15.49
C PRO A 253 -8.96 13.92 -15.85
N GLU A 254 -10.06 14.66 -15.68
CA GLU A 254 -10.09 16.06 -16.06
C GLU A 254 -8.98 16.82 -15.31
N GLY A 255 -8.14 17.55 -16.05
CA GLY A 255 -7.02 18.27 -15.44
C GLY A 255 -5.80 17.46 -15.03
N CYS A 256 -5.83 16.14 -15.22
CA CYS A 256 -4.65 15.30 -15.01
C CYS A 256 -3.63 15.65 -16.09
N PRO A 257 -2.43 16.09 -15.70
CA PRO A 257 -1.42 16.43 -16.71
C PRO A 257 -1.11 15.26 -17.65
N PRO A 258 -0.92 15.52 -18.95
CA PRO A 258 -0.62 14.44 -19.90
C PRO A 258 0.54 13.52 -19.48
N LYS A 259 1.57 14.09 -18.86
CA LYS A 259 2.77 13.36 -18.40
C LYS A 259 2.44 12.37 -17.27
N VAL A 260 1.49 12.76 -16.41
CA VAL A 260 1.04 11.88 -15.31
C VAL A 260 0.19 10.74 -15.87
N TYR A 261 -0.67 11.06 -16.84
CA TYR A 261 -1.46 10.03 -17.49
C TYR A 261 -0.56 9.04 -18.26
N GLU A 262 0.46 9.55 -18.94
CA GLU A 262 1.40 8.69 -19.69
C GLU A 262 2.02 7.69 -18.73
N LEU A 263 2.42 8.17 -17.55
CA LEU A 263 3.00 7.32 -16.48
C LEU A 263 2.01 6.26 -16.01
N MET A 264 0.76 6.67 -15.76
CA MET A 264 -0.33 5.75 -15.45
C MET A 264 -0.41 4.66 -16.49
N ARG A 265 -0.50 5.06 -17.75
CA ARG A 265 -0.59 4.13 -18.87
C ARG A 265 0.60 3.19 -18.95
N ALA A 266 1.79 3.69 -18.60
CA ALA A 266 3.00 2.84 -18.58
C ALA A 266 2.84 1.74 -17.53
N CYS A 267 2.30 2.12 -16.37
CA CYS A 267 2.01 1.12 -15.30
C CYS A 267 0.98 0.07 -15.69
N TRP A 268 0.09 0.42 -16.62
CA TRP A 268 -0.95 -0.51 -17.04
C TRP A 268 -0.65 -1.17 -18.39
N LYS A 269 0.61 -1.25 -18.76
CA LYS A 269 0.97 -2.02 -19.96
C LYS A 269 0.62 -3.49 -19.73
N TRP A 270 0.22 -4.16 -20.80
CA TRP A 270 -0.25 -5.53 -20.71
C TRP A 270 0.86 -6.48 -20.23
N SER A 271 2.05 -6.36 -20.80
CA SER A 271 3.19 -7.20 -20.40
C SER A 271 3.92 -6.60 -19.20
N PRO A 272 4.08 -7.38 -18.12
CA PRO A 272 4.70 -6.81 -16.90
C PRO A 272 6.06 -6.18 -17.18
N ALA A 273 6.83 -6.81 -18.09
CA ALA A 273 8.16 -6.37 -18.43
C ALA A 273 8.17 -4.99 -19.08
N ASP A 274 7.07 -4.62 -19.72
CA ASP A 274 6.96 -3.30 -20.35
C ASP A 274 6.60 -2.20 -19.35
N ARG A 275 6.20 -2.58 -18.14
CA ARG A 275 5.84 -1.59 -17.12
C ARG A 275 7.11 -0.97 -16.54
N PRO A 276 7.07 0.32 -16.17
CA PRO A 276 8.30 0.85 -15.62
C PRO A 276 8.67 0.18 -14.30
N SER A 277 9.94 0.30 -13.90
CA SER A 277 10.36 0.01 -12.54
C SER A 277 9.88 1.13 -11.61
N PHE A 278 9.92 0.88 -10.30
CA PHE A 278 9.61 1.95 -9.35
C PHE A 278 10.74 2.97 -9.28
N ALA A 279 11.97 2.52 -9.51
CA ALA A 279 13.11 3.45 -9.67
C ALA A 279 12.80 4.49 -10.75
N GLU A 280 12.34 4.01 -11.92
CA GLU A 280 11.90 4.85 -13.03
C GLU A 280 10.69 5.73 -12.71
N THR A 281 9.70 5.16 -12.04
CA THR A 281 8.49 5.92 -11.65
C THR A 281 8.89 7.06 -10.71
N HIS A 282 9.74 6.78 -9.74
CA HIS A 282 10.14 7.81 -8.78
C HIS A 282 10.88 8.97 -9.45
N GLN A 283 11.85 8.60 -10.29
CA GLN A 283 12.53 9.53 -11.17
C GLN A 283 11.56 10.40 -12.00
N ALA A 284 10.55 9.77 -12.57
CA ALA A 284 9.59 10.51 -13.42
C ALA A 284 8.95 11.63 -12.58
N PHE A 285 8.57 11.28 -11.35
CA PHE A 285 7.97 12.24 -10.42
C PHE A 285 8.90 13.34 -9.97
N GLU A 286 10.16 12.99 -9.70
CA GLU A 286 11.16 14.00 -9.39
C GLU A 286 11.32 15.00 -10.56
N THR A 287 11.49 14.47 -11.76
CA THR A 287 11.60 15.31 -12.96
C THR A 287 10.38 16.20 -13.16
N MET A 288 9.19 15.68 -12.87
CA MET A 288 7.96 16.51 -12.99
C MET A 288 7.99 17.76 -12.10
N PHE A 289 8.57 17.64 -10.93
CA PHE A 289 8.76 18.78 -10.03
C PHE A 289 9.64 19.86 -10.68
N HIS A 290 10.71 19.46 -11.37
CA HIS A 290 11.63 20.45 -11.99
C HIS A 290 11.06 21.04 -13.26
N ASP A 291 10.28 20.22 -13.97
CA ASP A 291 9.61 20.62 -15.19
C ASP A 291 8.46 21.59 -14.91
N SER A 292 8.07 21.71 -13.64
CA SER A 292 6.91 22.53 -13.26
C SER A 292 7.24 24.01 -13.13
#